data_3VF0
#
_entry.id   3VF0
#
_cell.length_a   164.905
_cell.length_b   164.905
_cell.length_c   102.594
_cell.angle_alpha   90.00
_cell.angle_beta   90.00
_cell.angle_gamma   120.00
#
_symmetry.space_group_name_H-M   'P 65 2 2'
#
loop_
_entity.id
_entity.type
_entity.pdbx_description
1 polymer Vinculin
2 polymer 'Ribonucleoprotein PTB-binding 1'
3 non-polymer '4-(2-HYDROXYETHYL)-1-PIPERAZINE ETHANESULFONIC ACID'
4 non-polymer GLYCEROL
5 water water
#
loop_
_entity_poly.entity_id
_entity_poly.type
_entity_poly.pdbx_seq_one_letter_code
_entity_poly.pdbx_strand_id
1 'polypeptide(L)'
;GSHMDELAPPKPPLPEGEVPPPRPPPPEEKDEEFPEQKAGEVINQPMMMAARQLHDEARKWSSKPGIPAAEVGIGVVAEA
DAADAAGFPVPPDMEDDYEPELLLMPSNQPVNQPILAAAQSLHREATKWSSKGNDIIAAAKRMALLMAEMSRLVRGGSGT
KRALIQCAKDIAKASDEVTRLAKEVAKQCTDKRIRTNLLQVCERIPTISTQLKILSTVKATMLGRTNISDEESEQATEML
VHNAQNLMQSVKETVREAEAASIKIRTDAGFTLRWVRKTPWYQ
;
A
2 'polypeptide(L)'
;HMLDPEEIRKRLEHTERQFRNRRKILIRGLPGDVTNQEVHDLLSDYELKYCFVDKYKGTAFVTLLNGEQAEAAINAFHQS
RLRERELSVQLQPTDALLCVANLPPSLTQQQFEELVRPFGSLERCFLVYSERTGQSKGYGFAEYMKKDSAARAKSDLLGK
PLGPRTLYVHWTDAGQLTPALLHSRCLCVDRLPPGFNDVDALCRALSAVHSPTFCQLACGQDGQLKGFAVLEYETAEMAE
EAQQQADGLSLGGSHLRVSFCAPGPPGRSMLAALIAAQATALNRG
;
B
#
loop_
_chem_comp.id
_chem_comp.type
_chem_comp.name
_chem_comp.formula
EPE non-polymer '4-(2-HYDROXYETHYL)-1-PIPERAZINE ETHANESULFONIC ACID' 'C8 H18 N2 O4 S'
GOL non-polymer GLYCEROL 'C3 H8 O3'
#
# COMPACT_ATOMS: atom_id res chain seq x y z
N PRO A 106 -0.16 -4.78 -0.62
CA PRO A 106 -0.71 -3.97 -1.71
C PRO A 106 -0.14 -4.39 -3.08
N SER A 107 1.19 -4.51 -3.19
CA SER A 107 1.86 -4.97 -4.39
C SER A 107 2.24 -6.44 -4.17
N ASN A 108 1.55 -7.39 -4.86
CA ASN A 108 1.79 -8.83 -4.73
C ASN A 108 3.19 -9.15 -5.27
N GLN A 109 4.05 -9.56 -4.35
CA GLN A 109 5.45 -9.83 -4.64
C GLN A 109 5.60 -11.11 -5.45
N PRO A 110 6.53 -11.15 -6.47
CA PRO A 110 6.77 -12.43 -7.18
C PRO A 110 7.40 -13.44 -6.22
N VAL A 111 6.92 -14.68 -6.29
CA VAL A 111 7.39 -15.74 -5.42
C VAL A 111 7.82 -16.94 -6.27
N ASN A 112 8.55 -17.87 -5.64
CA ASN A 112 8.83 -19.17 -6.20
C ASN A 112 7.66 -20.04 -5.69
N GLN A 113 6.74 -20.43 -6.59
CA GLN A 113 5.56 -21.23 -6.26
C GLN A 113 5.93 -22.57 -5.62
N PRO A 114 6.93 -23.36 -6.11
CA PRO A 114 7.25 -24.63 -5.42
C PRO A 114 7.73 -24.44 -3.98
N ILE A 115 8.50 -23.37 -3.66
CA ILE A 115 8.92 -23.19 -2.25
C ILE A 115 7.72 -22.70 -1.40
N LEU A 116 6.82 -21.91 -1.99
CA LEU A 116 5.63 -21.44 -1.26
C LEU A 116 4.68 -22.61 -0.98
N ALA A 117 4.41 -23.47 -1.99
CA ALA A 117 3.53 -24.63 -1.84
C ALA A 117 4.06 -25.59 -0.73
N ALA A 118 5.38 -25.83 -0.68
CA ALA A 118 6.03 -26.64 0.37
C ALA A 118 5.81 -26.00 1.79
N ALA A 119 5.92 -24.67 1.90
CA ALA A 119 5.75 -23.89 3.14
C ALA A 119 4.31 -23.95 3.61
N GLN A 120 3.39 -23.73 2.68
CA GLN A 120 1.96 -23.76 2.95
C GLN A 120 1.50 -25.13 3.39
N SER A 121 2.11 -26.18 2.83
CA SER A 121 1.81 -27.56 3.19
C SER A 121 2.27 -27.86 4.62
N LEU A 122 3.43 -27.32 5.05
CA LEU A 122 3.86 -27.50 6.42
C LEU A 122 2.94 -26.72 7.36
N HIS A 123 2.58 -25.48 6.99
CA HIS A 123 1.68 -24.60 7.72
C HIS A 123 0.31 -25.26 7.91
N ARG A 124 -0.24 -25.88 6.86
CA ARG A 124 -1.51 -26.58 6.96
C ARG A 124 -1.45 -27.69 8.01
N GLU A 125 -0.39 -28.53 7.92
CA GLU A 125 -0.16 -29.64 8.82
C GLU A 125 -0.03 -29.19 10.28
N ALA A 126 0.76 -28.12 10.52
CA ALA A 126 1.03 -27.66 11.87
C ALA A 126 -0.19 -26.92 12.47
N THR A 127 -0.98 -26.18 11.66
CA THR A 127 -2.11 -25.44 12.20
C THR A 127 -3.30 -26.37 12.50
N LYS A 128 -3.19 -27.67 12.22
CA LYS A 128 -4.23 -28.65 12.65
C LYS A 128 -4.21 -28.75 14.19
N TRP A 129 -3.07 -28.34 14.82
CA TRP A 129 -2.78 -28.51 16.24
C TRP A 129 -2.55 -27.21 16.98
N SER A 130 -2.84 -27.26 18.29
CA SER A 130 -2.58 -26.18 19.20
C SER A 130 -1.08 -26.18 19.55
N SER A 131 -0.51 -24.98 19.69
CA SER A 131 0.89 -24.75 20.06
C SER A 131 1.04 -24.82 21.58
N LYS A 132 -0.07 -24.64 22.35
CA LYS A 132 -0.01 -24.70 23.83
C LYS A 132 0.38 -26.12 24.28
N GLY A 133 1.56 -26.24 24.89
CA GLY A 133 2.10 -27.52 25.34
C GLY A 133 2.73 -28.34 24.23
N ASN A 134 3.02 -27.70 23.09
CA ASN A 134 3.67 -28.37 21.97
C ASN A 134 4.64 -27.44 21.22
N ASP A 135 5.90 -27.43 21.67
CA ASP A 135 6.93 -26.59 21.06
C ASP A 135 7.36 -27.08 19.66
N ILE A 136 7.07 -28.33 19.29
CA ILE A 136 7.33 -28.82 17.93
C ILE A 136 6.39 -28.08 16.97
N ILE A 137 5.10 -27.96 17.35
CA ILE A 137 4.07 -27.31 16.57
C ILE A 137 4.42 -25.84 16.45
N ALA A 138 4.76 -25.18 17.56
CA ALA A 138 5.18 -23.78 17.57
C ALA A 138 6.36 -23.54 16.59
N ALA A 139 7.41 -24.39 16.66
CA ALA A 139 8.60 -24.32 15.80
C ALA A 139 8.24 -24.61 14.34
N ALA A 140 7.42 -25.63 14.08
CA ALA A 140 6.97 -26.01 12.74
C ALA A 140 6.22 -24.85 12.07
N LYS A 141 5.40 -24.12 12.84
CA LYS A 141 4.65 -22.96 12.38
C LYS A 141 5.59 -21.81 12.00
N ARG A 142 6.68 -21.60 12.74
CA ARG A 142 7.65 -20.55 12.42
C ARG A 142 8.44 -20.92 11.16
N MET A 143 8.82 -22.21 11.01
CA MET A 143 9.53 -22.73 9.84
C MET A 143 8.72 -22.48 8.60
N ALA A 144 7.39 -22.75 8.62
CA ALA A 144 6.54 -22.53 7.46
C ALA A 144 6.53 -21.06 7.03
N LEU A 145 6.39 -20.12 7.99
CA LEU A 145 6.34 -18.68 7.70
C LEU A 145 7.71 -18.16 7.20
N LEU A 146 8.81 -18.80 7.66
CA LEU A 146 10.17 -18.52 7.26
C LEU A 146 10.41 -19.04 5.85
N MET A 147 9.92 -20.26 5.56
CA MET A 147 9.97 -20.88 4.24
C MET A 147 9.09 -20.06 3.23
N ALA A 148 7.98 -19.47 3.69
CA ALA A 148 7.16 -18.59 2.86
C ALA A 148 7.95 -17.30 2.52
N GLU A 149 8.80 -16.81 3.46
CA GLU A 149 9.65 -15.64 3.25
C GLU A 149 10.74 -15.99 2.23
N MET A 150 11.31 -17.20 2.34
CA MET A 150 12.30 -17.71 1.40
C MET A 150 11.76 -17.73 -0.06
N SER A 151 10.47 -18.08 -0.29
CA SER A 151 9.89 -18.10 -1.63
C SER A 151 9.89 -16.69 -2.27
N ARG A 152 9.89 -15.64 -1.45
CA ARG A 152 9.97 -14.25 -1.90
C ARG A 152 11.43 -13.84 -2.10
N LEU A 153 12.30 -14.22 -1.16
CA LEU A 153 13.71 -13.83 -1.16
C LEU A 153 14.49 -14.33 -2.37
N VAL A 154 14.30 -15.61 -2.77
CA VAL A 154 15.02 -16.24 -3.90
C VAL A 154 14.76 -15.50 -5.23
N ARG A 155 13.68 -14.68 -5.34
CA ARG A 155 13.32 -13.94 -6.55
C ARG A 155 14.15 -12.65 -6.67
N GLY A 156 15.04 -12.40 -5.71
CA GLY A 156 15.91 -11.23 -5.73
C GLY A 156 15.24 -9.98 -5.19
N GLY A 157 15.97 -8.87 -5.26
CA GLY A 157 15.52 -7.59 -4.74
C GLY A 157 16.51 -6.97 -3.77
N SER A 158 16.20 -5.77 -3.28
CA SER A 158 17.04 -5.00 -2.39
C SER A 158 17.26 -5.68 -1.03
N GLY A 159 18.53 -5.89 -0.69
CA GLY A 159 18.98 -6.50 0.55
C GLY A 159 18.64 -7.97 0.72
N THR A 160 18.25 -8.66 -0.39
CA THR A 160 17.85 -10.07 -0.33
C THR A 160 19.05 -11.01 -0.08
N LYS A 161 20.29 -10.60 -0.43
CA LYS A 161 21.49 -11.43 -0.20
C LYS A 161 21.63 -11.75 1.32
N ARG A 162 21.72 -10.71 2.16
CA ARG A 162 21.85 -10.84 3.61
C ARG A 162 20.61 -11.45 4.26
N ALA A 163 19.42 -11.11 3.72
CA ALA A 163 18.13 -11.62 4.19
C ALA A 163 18.01 -13.14 3.94
N LEU A 164 18.41 -13.61 2.78
CA LEU A 164 18.29 -15.01 2.41
C LEU A 164 19.22 -15.85 3.25
N ILE A 165 20.45 -15.37 3.50
CA ILE A 165 21.40 -16.07 4.35
C ILE A 165 20.83 -16.19 5.81
N GLN A 166 20.31 -15.10 6.37
CA GLN A 166 19.72 -15.13 7.71
C GLN A 166 18.45 -16.00 7.83
N CYS A 167 17.58 -15.97 6.80
CA CYS A 167 16.35 -16.75 6.73
C CYS A 167 16.65 -18.26 6.83
N ALA A 168 17.68 -18.76 6.09
CA ALA A 168 18.09 -20.16 6.17
C ALA A 168 18.70 -20.48 7.56
N LYS A 169 19.37 -19.51 8.18
CA LYS A 169 19.91 -19.71 9.54
C LYS A 169 18.78 -19.82 10.54
N ASP A 170 17.73 -18.99 10.39
CA ASP A 170 16.54 -19.02 11.27
C ASP A 170 15.79 -20.36 11.12
N ILE A 171 15.67 -20.86 9.88
CA ILE A 171 15.00 -22.12 9.56
C ILE A 171 15.77 -23.26 10.21
N ALA A 172 17.13 -23.22 10.16
CA ALA A 172 18.03 -24.22 10.75
C ALA A 172 17.92 -24.25 12.29
N LYS A 173 17.77 -23.08 12.93
CA LYS A 173 17.60 -23.00 14.38
C LYS A 173 16.25 -23.62 14.79
N ALA A 174 15.17 -23.36 14.03
CA ALA A 174 13.85 -23.92 14.32
C ALA A 174 13.86 -25.47 14.11
N SER A 175 14.59 -25.95 13.08
CA SER A 175 14.84 -27.35 12.76
C SER A 175 15.51 -28.08 13.92
N ASP A 176 16.51 -27.42 14.53
CA ASP A 176 17.29 -27.92 15.65
C ASP A 176 16.39 -28.20 16.83
N GLU A 177 15.44 -27.29 17.08
CA GLU A 177 14.46 -27.38 18.13
C GLU A 177 13.50 -28.58 17.88
N VAL A 178 12.96 -28.71 16.64
CA VAL A 178 12.05 -29.81 16.26
C VAL A 178 12.75 -31.17 16.55
N THR A 179 14.04 -31.29 16.19
CA THR A 179 14.87 -32.49 16.40
C THR A 179 15.16 -32.78 17.89
N ARG A 180 15.47 -31.75 18.67
CA ARG A 180 15.76 -31.85 20.10
C ARG A 180 14.55 -32.45 20.84
N LEU A 181 13.37 -31.86 20.55
CA LEU A 181 12.08 -32.21 21.11
C LEU A 181 11.66 -33.59 20.70
N ALA A 182 11.78 -33.92 19.37
CA ALA A 182 11.40 -35.25 18.89
C ALA A 182 12.24 -36.35 19.57
N LYS A 183 13.55 -36.10 19.82
CA LYS A 183 14.43 -37.05 20.52
C LYS A 183 14.02 -37.21 22.02
N GLU A 184 13.51 -36.15 22.66
CA GLU A 184 12.98 -36.18 24.03
C GLU A 184 11.71 -37.06 24.12
N VAL A 185 10.86 -37.01 23.07
CA VAL A 185 9.63 -37.79 22.94
C VAL A 185 10.00 -39.28 22.74
N ALA A 186 10.94 -39.56 21.81
CA ALA A 186 11.38 -40.94 21.52
C ALA A 186 11.93 -41.63 22.77
N LYS A 187 12.63 -40.86 23.67
CA LYS A 187 13.22 -41.39 24.89
C LYS A 187 12.17 -41.87 25.91
N GLN A 188 10.88 -41.42 25.79
CA GLN A 188 9.78 -41.78 26.70
C GLN A 188 8.83 -42.84 26.10
N CYS A 189 8.99 -43.15 24.81
CA CYS A 189 8.15 -44.02 23.99
C CYS A 189 8.54 -45.49 24.16
N THR A 190 7.52 -46.31 24.51
CA THR A 190 7.62 -47.77 24.79
C THR A 190 7.42 -48.64 23.55
N ASP A 191 7.01 -48.06 22.40
CA ASP A 191 6.80 -48.81 21.16
C ASP A 191 8.06 -48.69 20.29
N LYS A 192 8.78 -49.81 20.12
CA LYS A 192 10.04 -49.91 19.35
C LYS A 192 9.90 -49.36 17.92
N ARG A 193 8.81 -49.73 17.21
CA ARG A 193 8.53 -49.32 15.83
C ARG A 193 8.38 -47.81 15.73
N ILE A 194 7.47 -47.19 16.53
CA ILE A 194 7.29 -45.72 16.54
C ILE A 194 8.59 -45.02 16.98
N ARG A 195 9.21 -45.47 18.09
CA ARG A 195 10.44 -44.86 18.60
C ARG A 195 11.53 -44.81 17.53
N THR A 196 11.70 -45.91 16.77
CA THR A 196 12.66 -46.06 15.68
C THR A 196 12.28 -45.14 14.54
N ASN A 197 10.99 -45.09 14.15
CA ASN A 197 10.54 -44.21 13.05
C ASN A 197 10.81 -42.76 13.38
N LEU A 198 10.45 -42.33 14.61
CA LEU A 198 10.64 -40.99 15.10
C LEU A 198 12.11 -40.60 15.07
N LEU A 199 13.00 -41.46 15.57
CA LEU A 199 14.44 -41.17 15.62
C LEU A 199 15.09 -41.12 14.24
N GLN A 200 14.60 -41.95 13.32
CA GLN A 200 15.12 -42.04 11.95
C GLN A 200 14.73 -40.76 11.19
N VAL A 201 13.41 -40.50 11.17
CA VAL A 201 12.71 -39.42 10.47
C VAL A 201 13.14 -38.04 10.94
N CYS A 202 13.70 -37.94 12.15
CA CYS A 202 14.11 -36.63 12.68
C CYS A 202 15.62 -36.42 12.63
N GLU A 203 16.46 -37.48 12.63
CA GLU A 203 17.93 -37.38 12.54
C GLU A 203 18.43 -36.82 11.16
N ARG A 204 17.57 -36.85 10.13
CA ARG A 204 17.87 -36.34 8.78
C ARG A 204 17.70 -34.82 8.70
N ILE A 205 16.85 -34.25 9.57
CA ILE A 205 16.52 -32.83 9.60
C ILE A 205 17.82 -31.95 9.74
N PRO A 206 18.76 -32.17 10.70
CA PRO A 206 19.96 -31.29 10.76
C PRO A 206 20.80 -31.30 9.47
N THR A 207 20.87 -32.44 8.78
CA THR A 207 21.56 -32.65 7.49
C THR A 207 20.92 -31.76 6.39
N ILE A 208 19.58 -31.77 6.29
CA ILE A 208 18.86 -30.99 5.31
C ILE A 208 19.03 -29.50 5.59
N SER A 209 19.03 -29.09 6.85
N SER A 209 19.00 -29.10 6.87
CA SER A 209 19.12 -27.68 7.20
CA SER A 209 19.12 -27.69 7.27
C SER A 209 20.52 -27.15 6.98
C SER A 209 20.52 -27.15 7.01
N THR A 210 21.56 -28.00 7.15
CA THR A 210 22.96 -27.60 6.88
C THR A 210 23.09 -27.35 5.38
N GLN A 211 22.49 -28.23 4.56
CA GLN A 211 22.49 -28.08 3.11
C GLN A 211 21.73 -26.83 2.67
N LEU A 212 20.64 -26.47 3.38
CA LEU A 212 19.85 -25.28 3.10
C LEU A 212 20.67 -24.01 3.35
N LYS A 213 21.48 -23.98 4.43
CA LYS A 213 22.33 -22.83 4.72
C LYS A 213 23.37 -22.63 3.60
N ILE A 214 23.99 -23.72 3.16
CA ILE A 214 24.98 -23.73 2.06
C ILE A 214 24.29 -23.30 0.75
N LEU A 215 23.15 -23.92 0.41
CA LEU A 215 22.45 -23.59 -0.83
C LEU A 215 21.90 -22.14 -0.83
N SER A 216 21.60 -21.58 0.36
CA SER A 216 21.10 -20.20 0.51
C SER A 216 22.20 -19.20 0.21
N THR A 217 23.39 -19.46 0.73
CA THR A 217 24.60 -18.67 0.53
C THR A 217 24.96 -18.69 -0.98
N VAL A 218 24.85 -19.85 -1.62
CA VAL A 218 25.11 -20.00 -3.05
C VAL A 218 24.20 -19.09 -3.85
N LYS A 219 22.88 -19.16 -3.59
CA LYS A 219 21.89 -18.36 -4.30
C LYS A 219 22.04 -16.86 -3.97
N ALA A 220 22.28 -16.52 -2.69
CA ALA A 220 22.46 -15.15 -2.19
C ALA A 220 23.63 -14.47 -2.90
N THR A 221 24.77 -15.20 -3.05
CA THR A 221 25.95 -14.72 -3.76
C THR A 221 25.62 -14.44 -5.23
N MET A 222 24.68 -15.21 -5.81
CA MET A 222 24.24 -15.03 -7.18
C MET A 222 23.30 -13.83 -7.33
N LEU A 223 22.42 -13.57 -6.34
CA LEU A 223 21.50 -12.42 -6.34
C LEU A 223 22.29 -11.12 -6.37
N GLY A 224 23.41 -11.11 -5.62
CA GLY A 224 24.35 -9.99 -5.50
C GLY A 224 25.20 -9.71 -6.72
N ARG A 225 25.23 -10.65 -7.72
CA ARG A 225 26.00 -10.54 -8.96
C ARG A 225 25.11 -10.30 -10.22
N THR A 226 25.73 -10.15 -11.41
CA THR A 226 25.07 -9.88 -12.70
C THR A 226 25.76 -10.62 -13.90
N ASN A 227 26.87 -11.34 -13.64
CA ASN A 227 27.63 -12.09 -14.63
C ASN A 227 27.28 -13.61 -14.60
N ILE A 228 26.19 -13.98 -13.91
CA ILE A 228 25.74 -15.37 -13.75
C ILE A 228 24.68 -15.69 -14.82
N SER A 229 24.86 -16.83 -15.52
CA SER A 229 23.95 -17.30 -16.55
C SER A 229 22.59 -17.67 -15.97
N ASP A 230 21.54 -17.59 -16.81
CA ASP A 230 20.16 -17.90 -16.42
C ASP A 230 20.00 -19.35 -16.00
N GLU A 231 20.67 -20.30 -16.70
CA GLU A 231 20.65 -21.73 -16.41
C GLU A 231 21.24 -22.01 -14.99
N GLU A 232 22.33 -21.31 -14.65
CA GLU A 232 23.03 -21.43 -13.39
C GLU A 232 22.19 -20.87 -12.25
N SER A 233 21.58 -19.68 -12.48
CA SER A 233 20.71 -19.02 -11.53
C SER A 233 19.45 -19.85 -11.25
N GLU A 234 18.86 -20.45 -12.30
CA GLU A 234 17.65 -21.27 -12.23
C GLU A 234 17.92 -22.59 -11.53
N GLN A 235 19.08 -23.22 -11.78
CA GLN A 235 19.38 -24.48 -11.11
C GLN A 235 19.76 -24.26 -9.64
N ALA A 236 20.34 -23.10 -9.30
CA ALA A 236 20.64 -22.76 -7.90
C ALA A 236 19.31 -22.69 -7.11
N THR A 237 18.25 -22.14 -7.75
CA THR A 237 16.89 -22.04 -7.19
C THR A 237 16.29 -23.47 -7.06
N GLU A 238 16.42 -24.30 -8.09
CA GLU A 238 15.93 -25.68 -8.10
C GLU A 238 16.51 -26.49 -6.96
N MET A 239 17.79 -26.26 -6.64
CA MET A 239 18.44 -26.96 -5.54
C MET A 239 17.78 -26.54 -4.23
N LEU A 240 17.45 -25.24 -4.05
CA LEU A 240 16.73 -24.74 -2.86
C LEU A 240 15.32 -25.29 -2.80
N VAL A 241 14.66 -25.36 -3.97
CA VAL A 241 13.31 -25.93 -4.10
C VAL A 241 13.32 -27.38 -3.56
N HIS A 242 14.24 -28.24 -4.07
CA HIS A 242 14.36 -29.65 -3.69
C HIS A 242 14.68 -29.78 -2.18
N ASN A 243 15.54 -28.89 -1.66
CA ASN A 243 15.91 -28.91 -0.26
C ASN A 243 14.71 -28.52 0.65
N ALA A 244 14.06 -27.39 0.34
CA ALA A 244 12.85 -26.89 1.01
C ALA A 244 11.75 -27.98 1.03
N GLN A 245 11.49 -28.66 -0.11
CA GLN A 245 10.49 -29.75 -0.18
C GLN A 245 10.87 -30.90 0.75
N ASN A 246 12.17 -31.29 0.77
CA ASN A 246 12.66 -32.34 1.66
C ASN A 246 12.55 -31.94 3.11
N LEU A 247 12.84 -30.68 3.41
CA LEU A 247 12.79 -30.20 4.78
C LEU A 247 11.35 -30.14 5.30
N MET A 248 10.41 -29.59 4.53
CA MET A 248 9.00 -29.50 4.92
C MET A 248 8.39 -30.91 5.06
N GLN A 249 8.83 -31.86 4.21
CA GLN A 249 8.36 -33.23 4.29
C GLN A 249 8.84 -33.94 5.60
N SER A 250 10.10 -33.77 5.98
CA SER A 250 10.71 -34.37 7.16
C SER A 250 10.07 -33.86 8.46
N VAL A 251 9.70 -32.57 8.49
CA VAL A 251 9.05 -31.90 9.60
C VAL A 251 7.59 -32.41 9.68
N LYS A 252 6.86 -32.53 8.56
CA LYS A 252 5.51 -33.13 8.57
C LYS A 252 5.56 -34.58 9.13
N GLU A 253 6.55 -35.36 8.71
CA GLU A 253 6.77 -36.74 9.16
C GLU A 253 7.07 -36.80 10.65
N THR A 254 7.91 -35.87 11.15
CA THR A 254 8.28 -35.83 12.56
C THR A 254 7.05 -35.52 13.41
N VAL A 255 6.25 -34.52 12.97
CA VAL A 255 5.02 -34.11 13.63
C VAL A 255 4.06 -35.33 13.67
N ARG A 256 3.97 -36.10 12.56
CA ARG A 256 3.10 -37.29 12.56
C ARG A 256 3.62 -38.40 13.48
N GLU A 257 4.92 -38.68 13.50
CA GLU A 257 5.46 -39.74 14.34
C GLU A 257 5.43 -39.36 15.83
N ALA A 258 5.68 -38.08 16.17
CA ALA A 258 5.64 -37.60 17.56
C ALA A 258 4.22 -37.75 18.14
N GLU A 259 3.22 -37.49 17.31
CA GLU A 259 1.80 -37.57 17.63
C GLU A 259 1.39 -39.04 17.79
N ALA A 260 1.89 -39.93 16.92
CA ALA A 260 1.60 -41.37 17.00
C ALA A 260 2.18 -41.95 18.32
N ALA A 261 3.35 -41.41 18.77
CA ALA A 261 4.03 -41.82 19.99
C ALA A 261 3.30 -41.40 21.25
N SER A 262 2.50 -40.33 21.19
CA SER A 262 1.83 -39.76 22.35
C SER A 262 0.92 -40.75 23.07
N ILE A 263 0.50 -41.81 22.40
CA ILE A 263 -0.37 -42.82 23.03
C ILE A 263 0.46 -44.09 23.37
N LYS A 264 1.81 -44.03 23.21
CA LYS A 264 2.74 -45.15 23.47
C LYS A 264 3.88 -44.69 24.41
N ILE A 265 3.54 -43.82 25.37
CA ILE A 265 4.47 -43.23 26.32
C ILE A 265 4.44 -44.04 27.61
N ARG A 266 5.61 -44.19 28.26
CA ARG A 266 5.78 -44.90 29.54
C ARG A 266 4.90 -44.27 30.63
N THR A 267 4.52 -45.06 31.63
CA THR A 267 3.78 -44.63 32.81
C THR A 267 4.55 -43.52 33.50
N ASP A 268 3.86 -42.42 33.93
CA ASP A 268 4.43 -41.33 34.73
C ASP A 268 5.73 -40.81 34.09
N ALA A 269 5.63 -40.46 32.83
CA ALA A 269 6.75 -40.05 31.99
C ALA A 269 7.37 -38.71 32.36
N GLY A 270 8.50 -38.46 31.74
CA GLY A 270 9.11 -37.16 31.86
C GLY A 270 8.40 -36.24 30.88
N PHE A 271 9.09 -35.93 29.81
CA PHE A 271 8.65 -35.02 28.77
C PHE A 271 7.56 -35.60 27.87
N THR A 272 6.43 -34.88 27.76
CA THR A 272 5.36 -35.20 26.80
C THR A 272 4.94 -33.95 26.06
N LEU A 273 4.42 -34.13 24.83
CA LEU A 273 3.83 -33.05 24.04
C LEU A 273 2.32 -33.21 24.04
N ARG A 274 1.60 -32.08 24.05
CA ARG A 274 0.15 -31.98 23.97
C ARG A 274 -0.32 -31.99 22.50
N TRP A 275 -1.30 -32.85 22.17
CA TRP A 275 -1.87 -33.02 20.83
C TRP A 275 -3.36 -32.77 20.87
N VAL A 276 -3.74 -31.49 20.76
CA VAL A 276 -5.12 -31.02 20.81
C VAL A 276 -5.40 -30.28 19.51
N ARG A 277 -6.45 -30.70 18.82
CA ARG A 277 -6.84 -30.21 17.50
C ARG A 277 -7.36 -28.77 17.51
N LYS A 278 -7.03 -28.07 16.44
CA LYS A 278 -7.46 -26.70 16.16
C LYS A 278 -8.56 -26.72 15.10
N THR A 279 -8.95 -27.91 14.65
CA THR A 279 -9.99 -28.11 13.63
C THR A 279 -11.32 -28.57 14.30
N PRO A 280 -12.52 -28.43 13.64
CA PRO A 280 -13.78 -28.91 14.26
C PRO A 280 -13.67 -30.35 14.74
N TRP A 281 -14.28 -30.61 15.90
CA TRP A 281 -14.23 -31.85 16.67
C TRP A 281 -15.16 -32.93 16.20
N TYR A 282 -16.26 -32.56 15.52
CA TYR A 282 -17.30 -33.48 15.12
C TYR A 282 -17.25 -33.78 13.64
N GLN A 283 -17.93 -34.85 13.22
CA GLN A 283 -17.94 -35.29 11.82
C GLN A 283 -19.29 -35.11 11.16
N HIS B 1 -12.23 41.79 -3.24
CA HIS B 1 -11.86 42.35 -1.94
C HIS B 1 -10.62 41.62 -1.38
N MET B 2 -9.45 42.30 -1.44
CA MET B 2 -8.13 41.79 -1.03
C MET B 2 -8.09 41.40 0.46
N LEU B 3 -7.46 40.24 0.73
CA LEU B 3 -7.30 39.70 2.08
C LEU B 3 -6.05 40.27 2.73
N ASP B 4 -6.13 40.52 4.05
CA ASP B 4 -5.02 41.02 4.84
C ASP B 4 -3.93 39.92 4.94
N PRO B 5 -2.62 40.28 5.02
CA PRO B 5 -1.56 39.24 5.09
C PRO B 5 -1.75 38.18 6.17
N GLU B 6 -2.42 38.54 7.29
CA GLU B 6 -2.68 37.62 8.39
C GLU B 6 -3.64 36.51 7.98
N GLU B 7 -4.69 36.85 7.20
CA GLU B 7 -5.68 35.90 6.70
C GLU B 7 -5.06 35.00 5.63
N ILE B 8 -4.22 35.56 4.73
CA ILE B 8 -3.54 34.79 3.67
C ILE B 8 -2.65 33.72 4.32
N ARG B 9 -1.87 34.10 5.35
CA ARG B 9 -0.96 33.21 6.05
C ARG B 9 -1.75 32.13 6.81
N LYS B 10 -2.87 32.53 7.45
CA LYS B 10 -3.76 31.63 8.21
C LYS B 10 -4.30 30.51 7.31
N ARG B 11 -4.79 30.86 6.10
CA ARG B 11 -5.34 29.91 5.12
C ARG B 11 -4.30 28.94 4.58
N LEU B 12 -3.16 29.47 4.09
CA LEU B 12 -2.06 28.69 3.52
C LEU B 12 -1.46 27.73 4.52
N GLU B 13 -1.38 28.14 5.80
CA GLU B 13 -0.84 27.30 6.87
C GLU B 13 -1.79 26.17 7.18
N HIS B 14 -3.11 26.44 7.16
CA HIS B 14 -4.10 25.41 7.44
C HIS B 14 -4.07 24.35 6.36
N THR B 15 -3.96 24.80 5.08
CA THR B 15 -3.88 23.92 3.91
C THR B 15 -2.57 23.06 3.99
N GLU B 16 -1.44 23.64 4.44
CA GLU B 16 -0.15 22.97 4.61
C GLU B 16 -0.20 21.91 5.72
N ARG B 17 -0.78 22.25 6.89
CA ARG B 17 -0.98 21.30 7.99
C ARG B 17 -1.88 20.13 7.55
N GLN B 18 -2.96 20.44 6.83
CA GLN B 18 -3.88 19.44 6.34
C GLN B 18 -3.24 18.53 5.32
N PHE B 19 -2.52 19.10 4.34
CA PHE B 19 -1.86 18.34 3.28
C PHE B 19 -0.82 17.35 3.87
N ARG B 20 -0.13 17.76 4.93
CA ARG B 20 0.91 16.99 5.60
C ARG B 20 0.36 15.95 6.61
N ASN B 21 -0.95 15.89 6.84
CA ASN B 21 -1.52 14.93 7.81
C ASN B 21 -1.69 13.52 7.19
N ARG B 22 -0.54 12.89 6.83
CA ARG B 22 -0.49 11.52 6.34
C ARG B 22 0.26 10.70 7.40
N ARG B 23 -0.49 9.99 8.24
CA ARG B 23 0.06 9.27 9.40
C ARG B 23 0.05 7.73 9.30
N LYS B 24 -0.32 7.18 8.14
CA LYS B 24 -0.40 5.75 7.92
C LYS B 24 0.83 5.26 7.17
N ILE B 25 1.62 4.36 7.78
CA ILE B 25 2.81 3.83 7.13
C ILE B 25 2.60 2.37 6.76
N LEU B 26 3.37 1.90 5.80
CA LEU B 26 3.40 0.52 5.36
C LEU B 26 4.85 0.03 5.43
N ILE B 27 5.06 -1.02 6.23
CA ILE B 27 6.36 -1.68 6.41
C ILE B 27 6.34 -2.97 5.59
N ARG B 28 7.37 -3.20 4.79
CA ARG B 28 7.55 -4.43 4.00
C ARG B 28 8.95 -4.98 4.22
N GLY B 29 9.12 -6.26 3.99
CA GLY B 29 10.40 -6.95 4.15
C GLY B 29 10.67 -7.52 5.52
N LEU B 30 9.64 -7.59 6.39
CA LEU B 30 9.77 -8.13 7.76
C LEU B 30 10.14 -9.61 7.75
N PRO B 31 10.92 -10.10 8.75
CA PRO B 31 11.25 -11.53 8.80
C PRO B 31 10.00 -12.41 8.79
N GLY B 32 10.16 -13.64 8.29
CA GLY B 32 9.06 -14.59 8.19
C GLY B 32 8.41 -14.91 9.53
N ASP B 33 9.22 -15.02 10.60
CA ASP B 33 8.81 -15.32 11.98
C ASP B 33 8.61 -14.04 12.83
N VAL B 34 8.47 -12.86 12.20
CA VAL B 34 8.20 -11.61 12.93
C VAL B 34 6.95 -11.76 13.82
N THR B 35 6.94 -11.07 14.97
CA THR B 35 5.78 -11.03 15.84
C THR B 35 5.25 -9.61 15.90
N ASN B 36 3.98 -9.43 16.28
CA ASN B 36 3.37 -8.13 16.54
C ASN B 36 4.22 -7.34 17.53
N GLN B 37 4.72 -8.02 18.58
CA GLN B 37 5.56 -7.43 19.61
C GLN B 37 6.85 -6.84 19.03
N GLU B 38 7.53 -7.56 18.11
CA GLU B 38 8.74 -7.09 17.44
C GLU B 38 8.50 -5.76 16.73
N VAL B 39 7.29 -5.58 16.15
CA VAL B 39 6.91 -4.37 15.39
C VAL B 39 6.60 -3.25 16.38
N HIS B 40 5.89 -3.56 17.46
CA HIS B 40 5.64 -2.63 18.57
C HIS B 40 6.97 -2.20 19.20
N ASP B 41 7.93 -3.14 19.34
CA ASP B 41 9.24 -2.85 19.90
C ASP B 41 10.04 -1.94 18.94
N LEU B 42 10.02 -2.24 17.64
CA LEU B 42 10.68 -1.44 16.61
C LEU B 42 10.22 0.03 16.67
N LEU B 43 8.89 0.24 16.78
CA LEU B 43 8.25 1.56 16.78
C LEU B 43 7.89 2.07 18.19
N SER B 44 8.66 1.65 19.22
CA SER B 44 8.40 2.02 20.63
C SER B 44 8.53 3.55 20.89
N ASP B 45 9.26 4.30 20.05
CA ASP B 45 9.39 5.75 20.20
C ASP B 45 8.14 6.49 19.70
N TYR B 46 7.18 5.78 19.07
CA TYR B 46 5.99 6.42 18.50
C TYR B 46 4.70 5.89 19.13
N GLU B 47 3.61 6.66 19.01
CA GLU B 47 2.29 6.26 19.53
C GLU B 47 1.51 5.59 18.42
N LEU B 48 1.27 4.27 18.57
CA LEU B 48 0.58 3.41 17.60
C LEU B 48 -0.92 3.40 17.85
N LYS B 49 -1.68 3.84 16.86
CA LYS B 49 -3.13 3.87 16.94
C LYS B 49 -3.71 2.58 16.41
N TYR B 50 -3.01 1.99 15.45
CA TYR B 50 -3.36 0.77 14.77
C TYR B 50 -2.08 0.11 14.31
N CYS B 51 -2.06 -1.21 14.36
CA CYS B 51 -0.94 -2.01 13.93
C CYS B 51 -1.43 -3.40 13.58
N PHE B 52 -1.41 -3.72 12.30
CA PHE B 52 -1.76 -5.05 11.81
C PHE B 52 -0.53 -5.64 11.15
N VAL B 53 -0.07 -6.76 11.65
CA VAL B 53 1.08 -7.42 11.08
C VAL B 53 0.61 -8.64 10.28
N ASP B 54 0.92 -8.64 8.98
CA ASP B 54 0.60 -9.76 8.12
C ASP B 54 1.83 -10.70 8.05
N LYS B 55 1.83 -11.76 8.89
CA LYS B 55 2.90 -12.76 9.03
C LYS B 55 3.15 -13.54 7.75
N TYR B 56 2.13 -13.74 6.93
CA TYR B 56 2.24 -14.49 5.66
C TYR B 56 2.93 -13.70 4.58
N LYS B 57 2.97 -12.35 4.68
CA LYS B 57 3.54 -11.49 3.63
C LYS B 57 4.76 -10.65 4.07
N GLY B 58 5.03 -10.56 5.37
CA GLY B 58 6.14 -9.75 5.87
C GLY B 58 5.84 -8.27 5.84
N THR B 59 4.55 -7.91 6.01
CA THR B 59 4.11 -6.52 5.96
C THR B 59 3.37 -6.12 7.22
N ALA B 60 3.39 -4.83 7.52
CA ALA B 60 2.70 -4.24 8.67
C ALA B 60 2.04 -2.94 8.24
N PHE B 61 0.80 -2.76 8.66
CA PHE B 61 -0.03 -1.58 8.39
C PHE B 61 -0.13 -0.85 9.70
N VAL B 62 0.59 0.28 9.83
CA VAL B 62 0.63 1.04 11.08
C VAL B 62 0.10 2.47 10.88
N THR B 63 -0.78 2.90 11.80
CA THR B 63 -1.36 4.23 11.90
C THR B 63 -0.74 4.85 13.11
N LEU B 64 0.01 5.93 12.89
CA LEU B 64 0.68 6.67 13.95
C LEU B 64 -0.19 7.91 14.33
N LEU B 65 0.21 8.64 15.39
CA LEU B 65 -0.53 9.77 15.90
C LEU B 65 -0.73 10.91 14.89
N ASN B 66 0.32 11.29 14.15
CA ASN B 66 0.27 12.38 13.17
C ASN B 66 1.29 12.16 12.06
N GLY B 67 1.36 13.10 11.12
CA GLY B 67 2.24 13.08 9.95
C GLY B 67 3.71 13.20 10.29
N GLU B 68 4.01 13.91 11.40
CA GLU B 68 5.37 14.12 11.93
C GLU B 68 5.97 12.81 12.43
N GLN B 69 5.14 11.97 13.05
CA GLN B 69 5.55 10.66 13.55
C GLN B 69 5.81 9.72 12.37
N ALA B 70 4.91 9.74 11.36
CA ALA B 70 5.02 8.95 10.15
C ALA B 70 6.33 9.24 9.42
N GLU B 71 6.69 10.53 9.20
CA GLU B 71 7.93 10.93 8.52
C GLU B 71 9.15 10.54 9.36
N ALA B 72 9.05 10.69 10.69
CA ALA B 72 10.12 10.31 11.59
C ALA B 72 10.36 8.78 11.55
N ALA B 73 9.30 7.97 11.46
CA ALA B 73 9.43 6.50 11.42
C ALA B 73 10.05 6.06 10.11
N ILE B 74 9.67 6.74 9.00
CA ILE B 74 10.15 6.51 7.64
C ILE B 74 11.63 6.80 7.58
N ASN B 75 12.07 8.00 8.02
N ASN B 75 12.06 8.00 8.02
CA ASN B 75 13.48 8.38 8.01
CA ASN B 75 13.47 8.40 8.00
C ASN B 75 14.29 7.41 8.87
C ASN B 75 14.33 7.51 8.91
N ALA B 76 13.80 7.08 10.08
CA ALA B 76 14.49 6.18 11.00
C ALA B 76 14.61 4.73 10.47
N PHE B 77 13.56 4.18 9.84
CA PHE B 77 13.59 2.77 9.50
C PHE B 77 13.52 2.39 8.02
N HIS B 78 13.27 3.31 7.09
CA HIS B 78 13.30 2.95 5.67
C HIS B 78 14.72 2.56 5.31
N GLN B 79 14.87 1.36 4.71
CA GLN B 79 16.13 0.74 4.28
C GLN B 79 17.04 0.39 5.49
N SER B 80 16.47 0.28 6.71
CA SER B 80 17.21 -0.22 7.87
C SER B 80 17.17 -1.75 7.85
N ARG B 81 18.00 -2.38 8.69
CA ARG B 81 18.01 -3.82 8.80
C ARG B 81 17.29 -4.25 10.09
N LEU B 82 16.41 -5.24 9.98
CA LEU B 82 15.76 -5.91 11.11
C LEU B 82 16.14 -7.37 10.99
N ARG B 83 17.02 -7.86 11.87
CA ARG B 83 17.56 -9.23 11.86
C ARG B 83 17.99 -9.61 10.40
N GLU B 84 18.80 -8.73 9.81
CA GLU B 84 19.42 -8.85 8.49
C GLU B 84 18.42 -8.64 7.32
N ARG B 85 17.14 -8.36 7.60
CA ARG B 85 16.16 -8.06 6.54
C ARG B 85 16.15 -6.55 6.26
N GLU B 86 16.22 -6.16 4.99
CA GLU B 86 16.13 -4.74 4.65
C GLU B 86 14.69 -4.40 4.64
N LEU B 87 14.30 -3.39 5.41
CA LEU B 87 12.91 -2.97 5.50
C LEU B 87 12.59 -1.83 4.55
N SER B 88 11.37 -1.83 4.03
CA SER B 88 10.85 -0.71 3.29
C SER B 88 9.79 -0.11 4.18
N VAL B 89 9.94 1.16 4.54
CA VAL B 89 9.00 1.89 5.37
C VAL B 89 8.59 3.12 4.59
N GLN B 90 7.34 3.13 4.16
CA GLN B 90 6.82 4.21 3.32
C GLN B 90 5.40 4.57 3.74
N LEU B 91 4.91 5.75 3.27
CA LEU B 91 3.51 6.15 3.50
C LEU B 91 2.62 5.12 2.83
N GLN B 92 1.57 4.68 3.53
CA GLN B 92 0.62 3.70 3.02
C GLN B 92 -0.01 4.16 1.73
N PRO B 93 -0.01 3.33 0.68
CA PRO B 93 -0.63 3.75 -0.58
C PRO B 93 -2.16 3.53 -0.53
N THR B 94 -2.84 4.40 0.23
CA THR B 94 -4.30 4.40 0.39
C THR B 94 -4.98 4.90 -0.91
N ASP B 95 -6.28 4.63 -1.06
CA ASP B 95 -6.98 5.08 -2.26
C ASP B 95 -8.31 5.66 -1.81
N ALA B 96 -8.22 6.73 -1.01
CA ALA B 96 -9.39 7.37 -0.41
C ALA B 96 -9.33 8.90 -0.57
N LEU B 97 -8.56 9.37 -1.57
CA LEU B 97 -8.36 10.81 -1.82
C LEU B 97 -9.14 11.28 -3.04
N LEU B 98 -9.90 12.36 -2.83
CA LEU B 98 -10.70 12.95 -3.87
C LEU B 98 -10.36 14.37 -4.07
N CYS B 99 -10.48 14.83 -5.31
CA CYS B 99 -10.46 16.25 -5.62
C CYS B 99 -11.90 16.63 -5.94
N VAL B 100 -12.42 17.64 -5.24
CA VAL B 100 -13.75 18.17 -5.44
C VAL B 100 -13.54 19.51 -6.07
N ALA B 101 -13.86 19.59 -7.38
CA ALA B 101 -13.63 20.80 -8.16
C ALA B 101 -14.93 21.48 -8.55
N ASN B 102 -14.81 22.69 -9.10
CA ASN B 102 -15.87 23.60 -9.54
C ASN B 102 -16.70 24.05 -8.34
N LEU B 103 -16.02 24.22 -7.19
CA LEU B 103 -16.65 24.76 -6.00
C LEU B 103 -16.89 26.24 -6.19
N PRO B 104 -17.94 26.84 -5.60
CA PRO B 104 -18.06 28.31 -5.65
C PRO B 104 -16.80 28.97 -5.05
N PRO B 105 -16.14 29.96 -5.70
CA PRO B 105 -14.92 30.54 -5.10
C PRO B 105 -15.13 31.24 -3.75
N SER B 106 -16.39 31.50 -3.38
CA SER B 106 -16.74 32.13 -2.09
C SER B 106 -16.85 31.08 -0.96
N LEU B 107 -16.91 29.77 -1.33
CA LEU B 107 -17.03 28.67 -0.38
C LEU B 107 -15.81 28.69 0.55
N THR B 108 -16.07 28.73 1.86
CA THR B 108 -15.05 28.76 2.90
C THR B 108 -14.56 27.38 3.24
N GLN B 109 -13.38 27.29 3.90
CA GLN B 109 -12.84 26.00 4.34
C GLN B 109 -13.86 25.28 5.22
N GLN B 110 -14.54 26.02 6.13
CA GLN B 110 -15.56 25.46 7.00
C GLN B 110 -16.74 24.85 6.21
N GLN B 111 -17.22 25.55 5.15
CA GLN B 111 -18.34 25.09 4.31
C GLN B 111 -17.95 23.87 3.50
N PHE B 112 -16.67 23.78 3.11
CA PHE B 112 -16.11 22.65 2.36
C PHE B 112 -16.04 21.42 3.27
N GLU B 113 -15.70 21.62 4.56
CA GLU B 113 -15.71 20.53 5.55
C GLU B 113 -17.15 20.00 5.73
N GLU B 114 -18.13 20.90 5.79
CA GLU B 114 -19.57 20.60 5.96
C GLU B 114 -20.11 19.78 4.77
N LEU B 115 -19.66 20.07 3.55
CA LEU B 115 -20.00 19.40 2.30
C LEU B 115 -19.47 17.97 2.22
N VAL B 116 -18.20 17.74 2.63
CA VAL B 116 -17.53 16.44 2.47
C VAL B 116 -17.49 15.55 3.74
N ARG B 117 -17.83 16.08 4.91
CA ARG B 117 -17.76 15.32 6.16
C ARG B 117 -18.85 14.23 6.33
N PRO B 118 -20.10 14.33 5.79
CA PRO B 118 -21.10 13.30 6.13
C PRO B 118 -20.79 11.87 5.65
N PHE B 119 -19.86 11.71 4.70
CA PHE B 119 -19.54 10.43 4.07
C PHE B 119 -18.53 9.58 4.83
N GLY B 120 -17.94 10.14 5.87
CA GLY B 120 -16.99 9.39 6.69
C GLY B 120 -16.06 10.29 7.47
N SER B 121 -15.13 9.65 8.18
CA SER B 121 -14.10 10.30 8.97
C SER B 121 -13.02 10.81 8.03
N LEU B 122 -12.68 12.10 8.15
CA LEU B 122 -11.72 12.74 7.26
C LEU B 122 -10.31 12.72 7.83
N GLU B 123 -9.35 12.29 7.01
CA GLU B 123 -7.95 12.28 7.40
C GLU B 123 -7.32 13.64 6.98
N ARG B 124 -7.69 14.15 5.80
CA ARG B 124 -7.21 15.41 5.24
C ARG B 124 -8.36 16.09 4.56
N CYS B 125 -8.50 17.39 4.77
CA CYS B 125 -9.58 18.18 4.20
C CYS B 125 -9.13 19.60 4.06
N PHE B 126 -8.93 20.03 2.81
CA PHE B 126 -8.40 21.38 2.59
C PHE B 126 -8.77 21.94 1.25
N LEU B 127 -9.02 23.25 1.23
CA LEU B 127 -9.15 24.01 -0.01
C LEU B 127 -7.74 24.35 -0.51
N VAL B 128 -7.63 24.64 -1.82
CA VAL B 128 -6.38 25.07 -2.43
C VAL B 128 -6.59 26.56 -2.76
N TYR B 129 -5.71 27.39 -2.22
CA TYR B 129 -5.73 28.84 -2.33
C TYR B 129 -4.58 29.37 -3.16
N SER B 130 -4.75 30.59 -3.72
CA SER B 130 -3.66 31.27 -4.41
C SER B 130 -2.63 31.71 -3.34
N GLU B 131 -1.31 31.42 -3.56
CA GLU B 131 -0.21 31.81 -2.64
C GLU B 131 -0.05 33.34 -2.57
N ARG B 132 -0.45 34.04 -3.65
CA ARG B 132 -0.37 35.48 -3.81
C ARG B 132 -1.54 36.18 -3.10
N THR B 133 -2.80 35.84 -3.44
CA THR B 133 -3.96 36.51 -2.86
C THR B 133 -4.65 35.81 -1.66
N GLY B 134 -4.39 34.53 -1.44
CA GLY B 134 -5.08 33.77 -0.38
C GLY B 134 -6.52 33.41 -0.77
N GLN B 135 -6.95 33.78 -1.98
CA GLN B 135 -8.30 33.46 -2.43
C GLN B 135 -8.35 32.02 -2.87
N SER B 136 -9.49 31.36 -2.63
CA SER B 136 -9.73 29.97 -2.99
C SER B 136 -9.76 29.80 -4.52
N LYS B 137 -9.12 28.72 -4.98
CA LYS B 137 -9.05 28.36 -6.40
C LYS B 137 -10.28 27.59 -6.82
N GLY B 138 -11.23 27.41 -5.92
CA GLY B 138 -12.48 26.73 -6.24
C GLY B 138 -12.39 25.22 -6.28
N TYR B 139 -11.38 24.64 -5.61
CA TYR B 139 -11.28 23.18 -5.53
C TYR B 139 -10.58 22.80 -4.26
N GLY B 140 -10.86 21.61 -3.78
CA GLY B 140 -10.27 21.14 -2.54
C GLY B 140 -10.05 19.65 -2.57
N PHE B 141 -9.42 19.15 -1.52
CA PHE B 141 -9.16 17.71 -1.40
C PHE B 141 -9.75 17.16 -0.13
N ALA B 142 -10.36 15.97 -0.24
CA ALA B 142 -10.92 15.24 0.88
C ALA B 142 -10.36 13.81 0.85
N GLU B 143 -9.74 13.39 1.96
CA GLU B 143 -9.20 12.04 2.13
C GLU B 143 -9.86 11.46 3.32
N TYR B 144 -10.47 10.33 3.14
CA TYR B 144 -11.20 9.63 4.20
C TYR B 144 -10.33 8.55 4.84
N MET B 145 -10.76 8.05 6.01
CA MET B 145 -10.13 6.92 6.69
C MET B 145 -10.29 5.64 5.84
N LYS B 146 -11.48 5.47 5.19
CA LYS B 146 -11.84 4.29 4.37
C LYS B 146 -12.15 4.65 2.91
N LYS B 147 -11.81 3.75 1.97
CA LYS B 147 -12.07 3.91 0.52
C LYS B 147 -13.57 3.93 0.24
N ASP B 148 -14.37 3.18 1.02
CA ASP B 148 -15.81 3.09 0.85
C ASP B 148 -16.46 4.48 1.08
N SER B 149 -15.92 5.28 2.05
CA SER B 149 -16.37 6.65 2.36
C SER B 149 -16.16 7.59 1.15
N ALA B 150 -14.95 7.55 0.56
CA ALA B 150 -14.56 8.32 -0.61
C ALA B 150 -15.45 7.98 -1.82
N ALA B 151 -15.81 6.69 -2.00
CA ALA B 151 -16.68 6.20 -3.08
C ALA B 151 -18.11 6.77 -2.92
N ARG B 152 -18.59 6.79 -1.68
CA ARG B 152 -19.89 7.30 -1.28
C ARG B 152 -19.91 8.83 -1.51
N ALA B 153 -18.81 9.52 -1.14
CA ALA B 153 -18.67 10.96 -1.35
C ALA B 153 -18.67 11.30 -2.84
N LYS B 154 -17.86 10.59 -3.66
CA LYS B 154 -17.79 10.85 -5.10
C LYS B 154 -19.18 10.65 -5.77
N SER B 155 -19.89 9.57 -5.39
CA SER B 155 -21.22 9.25 -5.88
C SER B 155 -22.24 10.39 -5.62
N ASP B 156 -22.23 10.97 -4.40
CA ASP B 156 -23.15 12.03 -4.02
C ASP B 156 -22.70 13.42 -4.45
N LEU B 157 -21.39 13.65 -4.66
CA LEU B 157 -20.92 15.00 -5.01
C LEU B 157 -20.73 15.20 -6.51
N LEU B 158 -20.47 14.12 -7.28
CA LEU B 158 -20.25 14.23 -8.72
C LEU B 158 -21.54 14.62 -9.39
N GLY B 159 -21.57 15.85 -9.92
CA GLY B 159 -22.75 16.40 -10.57
C GLY B 159 -23.74 17.03 -9.60
N LYS B 160 -23.28 17.33 -8.37
CA LYS B 160 -24.12 17.97 -7.37
C LYS B 160 -24.16 19.48 -7.60
N PRO B 161 -25.35 20.12 -7.70
CA PRO B 161 -25.39 21.60 -7.76
C PRO B 161 -25.06 22.22 -6.39
N LEU B 162 -24.28 23.28 -6.40
CA LEU B 162 -23.88 24.06 -5.21
C LEU B 162 -23.75 25.49 -5.69
N GLY B 163 -24.69 26.32 -5.29
CA GLY B 163 -24.78 27.69 -5.81
C GLY B 163 -25.01 27.69 -7.33
N PRO B 164 -24.26 28.53 -8.08
CA PRO B 164 -24.42 28.52 -9.53
C PRO B 164 -23.48 27.51 -10.21
N ARG B 165 -23.02 26.48 -9.46
CA ARG B 165 -22.07 25.47 -9.97
C ARG B 165 -22.56 24.04 -9.86
N THR B 166 -21.97 23.17 -10.68
CA THR B 166 -22.14 21.70 -10.64
C THR B 166 -20.76 21.15 -10.28
N LEU B 167 -20.66 20.45 -9.15
CA LEU B 167 -19.36 19.94 -8.70
C LEU B 167 -18.86 18.80 -9.57
N TYR B 168 -17.53 18.72 -9.69
CA TYR B 168 -16.82 17.66 -10.36
C TYR B 168 -15.97 16.94 -9.34
N VAL B 169 -15.92 15.61 -9.42
CA VAL B 169 -15.15 14.80 -8.49
C VAL B 169 -14.25 13.88 -9.29
N HIS B 170 -12.99 13.87 -8.89
CA HIS B 170 -11.92 13.14 -9.52
C HIS B 170 -11.07 12.41 -8.44
N TRP B 171 -10.98 11.06 -8.51
CA TRP B 171 -10.09 10.24 -7.65
C TRP B 171 -8.65 10.67 -7.91
N THR B 172 -7.89 10.98 -6.86
CA THR B 172 -6.50 11.44 -7.03
C THR B 172 -5.57 10.47 -6.31
N ASP B 173 -4.38 10.22 -6.89
CA ASP B 173 -3.36 9.40 -6.26
C ASP B 173 -2.59 10.28 -5.26
N ALA B 174 -2.75 9.99 -3.95
CA ALA B 174 -2.07 10.74 -2.87
C ALA B 174 -0.57 10.84 -3.15
N GLY B 175 0.02 9.73 -3.64
CA GLY B 175 1.43 9.61 -4.01
C GLY B 175 1.88 10.54 -5.12
N GLN B 176 1.00 10.90 -6.03
CA GLN B 176 1.31 11.81 -7.14
C GLN B 176 1.24 13.31 -6.73
N LEU B 177 0.91 13.62 -5.44
CA LEU B 177 0.78 15.01 -5.02
C LEU B 177 1.94 15.54 -4.24
N THR B 178 2.28 16.79 -4.53
CA THR B 178 3.28 17.62 -3.86
C THR B 178 2.63 18.98 -3.65
N PRO B 179 3.16 19.84 -2.75
CA PRO B 179 2.56 21.18 -2.59
C PRO B 179 2.46 21.98 -3.90
N ALA B 180 3.42 21.81 -4.83
CA ALA B 180 3.43 22.51 -6.12
C ALA B 180 2.35 21.99 -7.06
N LEU B 181 2.24 20.65 -7.18
CA LEU B 181 1.28 19.93 -8.00
C LEU B 181 -0.19 20.04 -7.51
N LEU B 182 -0.40 20.77 -6.39
CA LEU B 182 -1.74 21.08 -5.86
C LEU B 182 -2.38 22.16 -6.73
N HIS B 183 -1.54 22.93 -7.46
CA HIS B 183 -1.98 24.05 -8.31
C HIS B 183 -2.13 23.58 -9.74
N SER B 184 -3.37 23.68 -10.21
CA SER B 184 -3.80 23.22 -11.53
C SER B 184 -3.24 24.06 -12.65
N ARG B 185 -2.94 23.39 -13.76
CA ARG B 185 -2.46 24.00 -15.01
C ARG B 185 -3.63 24.15 -16.03
N CYS B 186 -4.82 23.58 -15.71
CA CYS B 186 -5.98 23.62 -16.60
C CYS B 186 -7.10 24.54 -16.11
N LEU B 187 -7.74 25.19 -17.08
CA LEU B 187 -8.87 26.05 -16.85
C LEU B 187 -10.11 25.50 -17.55
N CYS B 188 -11.27 25.78 -16.97
CA CYS B 188 -12.56 25.41 -17.51
C CYS B 188 -13.32 26.69 -17.82
N VAL B 189 -13.77 26.84 -19.06
CA VAL B 189 -14.50 28.04 -19.46
C VAL B 189 -15.91 27.64 -19.84
N ASP B 190 -16.91 28.26 -19.19
CA ASP B 190 -18.33 28.09 -19.52
C ASP B 190 -18.95 29.51 -19.59
N ARG B 191 -20.30 29.61 -19.69
CA ARG B 191 -21.04 30.87 -19.92
C ARG B 191 -20.66 31.44 -21.32
N LEU B 192 -20.48 30.54 -22.27
CA LEU B 192 -20.21 30.88 -23.66
C LEU B 192 -21.48 31.47 -24.29
N PRO B 193 -21.40 32.34 -25.33
CA PRO B 193 -22.65 32.80 -25.98
C PRO B 193 -23.50 31.64 -26.51
N PRO B 194 -24.85 31.72 -26.51
CA PRO B 194 -25.65 30.61 -27.06
C PRO B 194 -25.29 30.32 -28.52
N GLY B 195 -25.17 29.04 -28.85
CA GLY B 195 -24.76 28.57 -30.17
C GLY B 195 -23.36 29.03 -30.58
N PHE B 196 -22.42 29.13 -29.59
CA PHE B 196 -21.03 29.55 -29.76
C PHE B 196 -20.31 28.61 -30.72
N ASN B 197 -19.67 29.16 -31.78
CA ASN B 197 -19.01 28.29 -32.74
C ASN B 197 -17.72 28.95 -33.28
N ASP B 198 -16.97 29.61 -32.38
CA ASP B 198 -15.75 30.34 -32.74
C ASP B 198 -14.62 30.07 -31.73
N VAL B 199 -14.11 28.82 -31.71
CA VAL B 199 -13.07 28.36 -30.79
C VAL B 199 -11.83 29.27 -30.86
N ASP B 200 -11.47 29.73 -32.06
CA ASP B 200 -10.30 30.59 -32.25
C ASP B 200 -10.39 31.91 -31.50
N ALA B 201 -11.59 32.52 -31.45
CA ALA B 201 -11.77 33.80 -30.77
C ALA B 201 -11.67 33.61 -29.24
N LEU B 202 -12.04 32.42 -28.77
CA LEU B 202 -11.95 32.02 -27.37
C LEU B 202 -10.49 31.81 -26.97
N CYS B 203 -9.69 31.04 -27.74
CA CYS B 203 -8.28 30.79 -27.42
C CYS B 203 -7.47 32.10 -27.42
N ARG B 204 -7.76 33.04 -28.37
CA ARG B 204 -7.15 34.36 -28.46
C ARG B 204 -7.44 35.20 -27.22
N ALA B 205 -8.71 35.28 -26.79
CA ALA B 205 -9.18 36.03 -25.59
C ALA B 205 -8.47 35.54 -24.33
N LEU B 206 -8.23 34.22 -24.29
CA LEU B 206 -7.59 33.49 -23.22
C LEU B 206 -6.07 33.40 -23.41
N SER B 207 -5.53 34.13 -24.42
CA SER B 207 -4.10 34.25 -24.76
C SER B 207 -3.57 35.65 -24.42
N ALA B 208 -4.43 36.51 -23.79
CA ALA B 208 -4.11 37.91 -23.44
C ALA B 208 -2.91 38.05 -22.50
N VAL B 209 -2.64 37.05 -21.63
CA VAL B 209 -1.50 37.10 -20.72
C VAL B 209 -0.46 36.07 -21.17
N HIS B 210 -0.90 34.82 -21.29
CA HIS B 210 -0.09 33.67 -21.64
C HIS B 210 -0.82 32.85 -22.70
N SER B 211 -0.07 32.18 -23.57
CA SER B 211 -0.69 31.37 -24.61
C SER B 211 -0.94 29.95 -24.11
N PRO B 212 -2.18 29.44 -24.28
CA PRO B 212 -2.47 28.06 -23.84
C PRO B 212 -1.77 27.00 -24.73
N THR B 213 -1.36 25.85 -24.13
CA THR B 213 -0.74 24.72 -24.84
C THR B 213 -1.85 23.85 -25.44
N PHE B 214 -3.07 23.92 -24.86
CA PHE B 214 -4.29 23.20 -25.24
C PHE B 214 -5.49 24.13 -25.11
N CYS B 215 -6.43 24.09 -26.08
CA CYS B 215 -7.64 24.92 -26.09
C CYS B 215 -8.69 24.30 -27.01
N GLN B 216 -9.68 23.60 -26.44
CA GLN B 216 -10.73 22.94 -27.21
C GLN B 216 -12.11 23.11 -26.62
N LEU B 217 -13.11 23.21 -27.49
CA LEU B 217 -14.51 23.22 -27.09
C LEU B 217 -14.93 21.80 -26.79
N ALA B 218 -15.77 21.62 -25.76
CA ALA B 218 -16.25 20.28 -25.41
C ALA B 218 -17.37 19.94 -26.32
N CYS B 219 -17.36 18.73 -26.86
CA CYS B 219 -18.42 18.30 -27.76
C CYS B 219 -18.61 16.77 -27.75
N GLY B 220 -19.84 16.33 -27.94
CA GLY B 220 -20.19 14.92 -28.03
C GLY B 220 -19.70 14.27 -29.31
N GLN B 221 -19.96 12.97 -29.44
CA GLN B 221 -19.59 12.16 -30.63
C GLN B 221 -20.25 12.72 -31.93
N ASP B 222 -21.41 13.38 -31.79
CA ASP B 222 -22.12 14.02 -32.92
C ASP B 222 -21.59 15.47 -33.22
N GLY B 223 -20.52 15.90 -32.53
CA GLY B 223 -19.91 17.21 -32.66
C GLY B 223 -20.60 18.39 -32.02
N GLN B 224 -21.80 18.17 -31.41
CA GLN B 224 -22.58 19.23 -30.75
C GLN B 224 -21.92 19.63 -29.41
N LEU B 225 -21.99 20.94 -29.08
CA LEU B 225 -21.39 21.52 -27.88
C LEU B 225 -21.97 21.00 -26.57
N LYS B 226 -21.07 20.77 -25.60
CA LYS B 226 -21.40 20.26 -24.29
C LYS B 226 -21.53 21.39 -23.24
N GLY B 227 -21.31 22.63 -23.65
CA GLY B 227 -21.46 23.81 -22.81
C GLY B 227 -20.19 24.49 -22.31
N PHE B 228 -19.04 23.84 -22.50
CA PHE B 228 -17.79 24.38 -21.97
C PHE B 228 -16.57 24.15 -22.89
N ALA B 229 -15.41 24.64 -22.42
CA ALA B 229 -14.10 24.53 -23.04
C ALA B 229 -13.05 24.27 -21.97
N VAL B 230 -12.03 23.49 -22.32
CA VAL B 230 -10.88 23.21 -21.45
C VAL B 230 -9.62 23.79 -22.13
N LEU B 231 -8.80 24.41 -21.31
CA LEU B 231 -7.54 25.02 -21.71
C LEU B 231 -6.47 24.55 -20.78
N GLU B 232 -5.24 24.45 -21.29
CA GLU B 232 -4.08 24.09 -20.48
C GLU B 232 -3.01 25.08 -20.77
N TYR B 233 -2.27 25.47 -19.75
CA TYR B 233 -1.12 26.38 -19.83
C TYR B 233 0.10 25.61 -19.38
N GLU B 234 1.29 26.06 -19.81
CA GLU B 234 2.61 25.46 -19.55
C GLU B 234 2.86 25.24 -18.05
N THR B 235 2.53 26.24 -17.23
CA THR B 235 2.72 26.20 -15.78
C THR B 235 1.44 26.59 -15.00
N ALA B 236 1.44 26.31 -13.70
CA ALA B 236 0.40 26.64 -12.73
C ALA B 236 0.29 28.13 -12.56
N GLU B 237 1.44 28.85 -12.54
CA GLU B 237 1.48 30.32 -12.43
C GLU B 237 0.82 30.93 -13.67
N MET B 238 1.11 30.38 -14.86
CA MET B 238 0.52 30.85 -16.11
C MET B 238 -1.01 30.66 -16.14
N ALA B 239 -1.53 29.49 -15.70
CA ALA B 239 -2.95 29.21 -15.65
C ALA B 239 -3.66 30.17 -14.68
N GLU B 240 -3.06 30.38 -13.47
CA GLU B 240 -3.55 31.27 -12.43
C GLU B 240 -3.66 32.74 -12.94
N GLU B 241 -2.61 33.22 -13.63
CA GLU B 241 -2.51 34.56 -14.22
C GLU B 241 -3.57 34.74 -15.33
N ALA B 242 -3.71 33.73 -16.23
CA ALA B 242 -4.72 33.75 -17.30
C ALA B 242 -6.14 33.76 -16.71
N GLN B 243 -6.38 32.99 -15.64
CA GLN B 243 -7.71 32.88 -15.03
C GLN B 243 -8.11 34.23 -14.42
N GLN B 244 -7.15 34.91 -13.76
CA GLN B 244 -7.34 36.20 -13.09
C GLN B 244 -7.83 37.28 -14.10
N GLN B 245 -7.20 37.42 -15.28
CA GLN B 245 -7.63 38.46 -16.21
C GLN B 245 -8.84 38.04 -17.07
N ALA B 246 -9.02 36.74 -17.36
CA ALA B 246 -10.06 36.27 -18.26
C ALA B 246 -11.43 36.09 -17.59
N ASP B 247 -11.48 35.80 -16.27
CA ASP B 247 -12.78 35.56 -15.61
C ASP B 247 -13.68 36.80 -15.67
N GLY B 248 -14.87 36.62 -16.22
CA GLY B 248 -15.88 37.67 -16.40
C GLY B 248 -15.77 38.48 -17.67
N LEU B 249 -14.73 38.22 -18.50
CA LEU B 249 -14.44 38.96 -19.74
C LEU B 249 -15.56 38.73 -20.77
N SER B 250 -15.96 39.81 -21.45
CA SER B 250 -17.02 39.76 -22.46
C SER B 250 -16.49 39.20 -23.76
N LEU B 251 -17.23 38.23 -24.30
CA LEU B 251 -16.99 37.57 -25.58
C LEU B 251 -18.34 37.18 -26.18
N GLY B 252 -18.63 37.71 -27.37
CA GLY B 252 -19.84 37.46 -28.13
C GLY B 252 -21.13 37.78 -27.40
N GLY B 253 -21.13 38.85 -26.61
CA GLY B 253 -22.28 39.29 -25.84
C GLY B 253 -22.53 38.51 -24.57
N SER B 254 -21.49 37.79 -24.08
CA SER B 254 -21.58 36.98 -22.87
C SER B 254 -20.38 37.20 -21.99
N HIS B 255 -20.56 37.24 -20.67
CA HIS B 255 -19.46 37.39 -19.72
C HIS B 255 -19.00 36.00 -19.32
N LEU B 256 -17.83 35.58 -19.84
CA LEU B 256 -17.26 34.23 -19.60
C LEU B 256 -16.96 33.97 -18.16
N ARG B 257 -17.17 32.72 -17.74
CA ARG B 257 -16.82 32.26 -16.41
C ARG B 257 -15.64 31.30 -16.61
N VAL B 258 -14.46 31.68 -16.04
CA VAL B 258 -13.19 30.97 -16.14
C VAL B 258 -12.81 30.45 -14.75
N SER B 259 -12.77 29.11 -14.60
CA SER B 259 -12.47 28.39 -13.37
C SER B 259 -11.27 27.46 -13.54
N PHE B 260 -10.74 26.94 -12.45
CA PHE B 260 -9.66 25.96 -12.46
C PHE B 260 -10.24 24.54 -12.54
N CYS B 261 -9.55 23.64 -13.27
CA CYS B 261 -9.93 22.23 -13.31
C CYS B 261 -9.27 21.50 -12.13
N ALA B 262 -9.64 20.22 -11.86
CA ALA B 262 -8.92 19.40 -10.86
C ALA B 262 -7.44 19.33 -11.31
N PRO B 263 -6.45 19.55 -10.41
CA PRO B 263 -5.03 19.68 -10.83
C PRO B 263 -4.32 18.52 -11.53
N GLY B 264 -4.75 17.29 -11.40
CA GLY B 264 -3.95 16.26 -12.06
C GLY B 264 -3.77 16.21 -13.59
N PRO B 265 -4.85 15.82 -14.32
CA PRO B 265 -4.70 15.50 -15.74
C PRO B 265 -4.41 16.62 -16.74
N PRO B 266 -3.81 16.25 -17.92
CA PRO B 266 -3.64 17.24 -19.01
C PRO B 266 -4.99 17.52 -19.66
N GLY B 267 -5.04 18.60 -20.43
CA GLY B 267 -6.23 19.08 -21.12
C GLY B 267 -7.07 18.04 -21.82
N ARG B 268 -6.43 17.18 -22.61
CA ARG B 268 -7.10 16.13 -23.38
C ARG B 268 -7.84 15.14 -22.45
N SER B 269 -7.19 14.73 -21.35
CA SER B 269 -7.77 13.81 -20.38
C SER B 269 -8.90 14.48 -19.59
N MET B 270 -8.67 15.75 -19.17
CA MET B 270 -9.66 16.53 -18.41
C MET B 270 -10.96 16.73 -19.21
N LEU B 271 -10.82 17.17 -20.49
CA LEU B 271 -11.95 17.40 -21.38
C LEU B 271 -12.80 16.13 -21.59
N ALA B 272 -12.15 14.99 -21.84
CA ALA B 272 -12.87 13.74 -22.07
C ALA B 272 -13.65 13.33 -20.80
N ALA B 273 -12.99 13.42 -19.62
CA ALA B 273 -13.56 13.06 -18.32
C ALA B 273 -14.77 13.92 -17.94
N LEU B 274 -14.70 15.24 -18.19
CA LEU B 274 -15.80 16.16 -17.90
C LEU B 274 -16.97 15.90 -18.84
N ILE B 275 -16.72 15.55 -20.11
CA ILE B 275 -17.78 15.24 -21.07
C ILE B 275 -18.46 13.93 -20.63
N ALA B 276 -17.65 12.92 -20.28
CA ALA B 276 -18.10 11.60 -19.86
C ALA B 276 -19.02 11.70 -18.64
N ALA B 277 -18.59 12.43 -17.56
CA ALA B 277 -19.33 12.70 -16.30
C ALA B 277 -20.70 13.33 -16.56
N GLN B 278 -20.76 14.41 -17.39
CA GLN B 278 -22.03 15.07 -17.70
C GLN B 278 -22.97 14.15 -18.51
N ALA B 279 -22.44 13.44 -19.54
CA ALA B 279 -23.23 12.53 -20.39
C ALA B 279 -23.85 11.38 -19.56
N THR B 280 -23.03 10.71 -18.70
CA THR B 280 -23.49 9.65 -17.80
C THR B 280 -24.67 10.13 -16.91
N ALA B 281 -24.49 11.33 -16.32
CA ALA B 281 -25.49 11.95 -15.45
C ALA B 281 -26.77 12.34 -16.23
N LEU B 282 -26.68 12.90 -17.46
CA LEU B 282 -27.84 13.29 -18.27
C LEU B 282 -28.64 12.08 -18.79
N ASN B 283 -27.93 10.96 -19.07
CA ASN B 283 -28.49 9.72 -19.58
C ASN B 283 -28.51 8.66 -18.49
N1 EPE C . -19.67 -27.31 11.41
C2 EPE C . -20.82 -28.23 11.50
C3 EPE C . -20.46 -29.60 10.96
N4 EPE C . -19.25 -30.12 11.61
C5 EPE C . -18.10 -29.24 11.36
C6 EPE C . -18.56 -27.94 10.69
C7 EPE C . -18.98 -31.52 11.24
C8 EPE C . -18.05 -31.74 10.05
O8 EPE C . -18.67 -31.42 8.82
C9 EPE C . -19.26 -26.83 12.75
C10 EPE C . -18.76 -25.40 12.74
S EPE C . -17.79 -25.01 14.10
O1S EPE C . -18.66 -25.03 15.26
O2S EPE C . -17.22 -23.71 13.84
O3S EPE C . -16.77 -26.05 14.18
C1 GOL D . -3.87 -21.92 21.07
O1 GOL D . -4.52 -23.17 21.27
C2 GOL D . -2.59 -22.08 20.26
O2 GOL D . -1.75 -20.93 20.44
C3 GOL D . -2.93 -22.22 18.80
O3 GOL D . -1.75 -22.40 18.03
C1 GOL E . 20.53 -31.45 16.71
O1 GOL E . 20.56 -30.65 15.54
C2 GOL E . 19.27 -31.25 17.52
O2 GOL E . 19.10 -29.86 17.85
C3 GOL E . 19.34 -32.05 18.80
O3 GOL E . 19.28 -33.45 18.53
C1 GOL F . -11.63 30.51 -9.74
O1 GOL F . -12.98 30.12 -9.92
C2 GOL F . -11.45 31.52 -8.63
O2 GOL F . -12.03 32.77 -9.00
C3 GOL F . -9.96 31.70 -8.41
O3 GOL F . -9.69 32.64 -7.38
C1 GOL G . -19.57 32.90 -8.21
O1 GOL G . -18.87 32.63 -9.41
C2 GOL G . -19.53 31.68 -7.30
O2 GOL G . -20.09 30.55 -7.97
C3 GOL G . -20.25 31.93 -5.99
O3 GOL G . -19.34 32.47 -5.05
C1 GOL H . -6.75 1.63 8.55
O1 GOL H . -5.47 1.00 8.61
C2 GOL H . -7.34 1.85 9.93
O2 GOL H . -6.44 2.62 10.75
C3 GOL H . -7.78 0.60 10.63
O3 GOL H . -8.79 0.87 11.60
C1 GOL I . 2.00 17.56 11.53
O1 GOL I . 2.43 16.53 12.42
C2 GOL I . 0.81 17.12 10.69
O2 GOL I . 0.22 18.27 10.05
C3 GOL I . -0.23 16.45 11.54
O3 GOL I . -0.40 15.12 11.10
C1 GOL J . -9.80 16.47 8.75
O1 GOL J . -8.68 16.76 9.58
C2 GOL J . -10.94 17.45 8.98
O2 GOL J . -10.54 18.76 8.61
C3 GOL J . -11.52 17.48 10.37
O3 GOL J . -12.20 16.27 10.67
C1 GOL K . 2.21 -12.81 17.91
O1 GOL K . 2.55 -11.82 16.95
C2 GOL K . 3.08 -12.69 19.15
O2 GOL K . 2.83 -13.80 20.02
C3 GOL K . 2.80 -11.40 19.87
O3 GOL K . 3.52 -10.33 19.27
C1 GOL L . 2.31 28.42 -8.23
O1 GOL L . 1.92 27.05 -8.36
C2 GOL L . 1.74 29.06 -6.99
O2 GOL L . 1.94 28.20 -5.86
C3 GOL L . 0.27 29.37 -7.15
O3 GOL L . -0.25 30.13 -6.05
C1 GOL M . 13.48 -3.02 1.44
O1 GOL M . 13.78 -2.15 0.36
C2 GOL M . 12.77 -4.29 1.02
O2 GOL M . 13.61 -5.08 0.17
C3 GOL M . 11.41 -4.09 0.40
O3 GOL M . 10.54 -5.20 0.65
C1 GOL N . -17.57 20.65 -13.42
O1 GOL N . -18.83 21.18 -13.85
C2 GOL N . -16.42 21.56 -13.78
O2 GOL N . -16.31 21.68 -15.20
C3 GOL N . -15.15 20.96 -13.21
O3 GOL N . -13.96 21.57 -13.70
C1 GOL O . 6.61 14.54 -10.28
O1 GOL O . 6.59 15.86 -10.82
C2 GOL O . 6.10 14.55 -8.85
O2 GOL O . 6.97 15.34 -8.03
C3 GOL O . 5.96 13.15 -8.28
O3 GOL O . 5.35 13.17 -7.00
C1 GOL P . -8.60 27.48 6.54
O1 GOL P . -7.97 27.74 5.29
C2 GOL P . -8.57 28.66 7.48
O2 GOL P . -9.03 28.21 8.76
C3 GOL P . -9.46 29.78 6.99
O3 GOL P . -9.27 30.97 7.76
#